data_3CVV
#
_entry.id   3CVV
#
_cell.length_a   84.590
_cell.length_b   91.070
_cell.length_c   88.260
_cell.angle_alpha   90.00
_cell.angle_beta   90.00
_cell.angle_gamma   90.00
#
_symmetry.space_group_name_H-M   'P 21 21 21'
#
loop_
_entity.id
_entity.type
_entity.pdbx_description
1 polymer "DNA (5'-D(*DAP*DCP*DAP*DGP*DCP*DGP*DGP*(64T)P*(5PY)P*DGP*DCP*DAP*DGP*DGP*DT)-3')"
2 polymer "DNA (5'-D(*DTP*DAP*DCP*DCP*DTP*DGP*DCP*DAP*DAP*DCP*DCP*DGP*DCP*DTP*DG)-3')"
3 polymer RE11660p
4 non-polymer 1,2-ETHANEDIOL
5 non-polymer 'FLAVIN-ADENINE DINUCLEOTIDE'
6 non-polymer 1-deoxy-1-(8-hydroxy-2,4-dioxo-3,4-dihydropyrimido[4,5-b]quinolin-10(2H)-yl)-D-ribitol
7 water water
#
loop_
_entity_poly.entity_id
_entity_poly.type
_entity_poly.pdbx_seq_one_letter_code
_entity_poly.pdbx_strand_id
1 'polydeoxyribonucleotide' (DA)(DC)(DA)(DG)(DC)(DG)(DG)(64T)(5PY)(DG)(DC)(DA)(DG)(DG)(DT) C
2 'polydeoxyribonucleotide' (DT)(DA)(DC)(DC)(DT)(DG)(DC)(DA)(DA)(DC)(DC)(DG)(DC)(DT)(DG) D
3 'polypeptide(L)'
;MASWSHPQFEKGASTSLYKKAGLMDSQRSTLVHWFRKGLRLHDNPALSHIFTAANAAPGRYFVRPIFILDPGILDWMQVG
ANRWRFLQQTLEDLDNQLRKLNSRLFVVRGKPAEVFPRIFKSWRVEMLTFETDIEPYSVTRDAAVQKLAKAEGVRVETHC
SHTIYNPELVIAKNLGKAPITYQKFLGIVEQLKVPKVLGVPEKLKNMPTPPKDEVEQKDSAAYDCPTMKQLVKRPEELGP
NKFPGGETEALRRMEESLKDEIWVARFEKPNTAPNSLEPSTTVLSPYLKFGCLSARLFNQKLKEIIKRQPKHSQPPVSLI
GQLMWREFYYTVAAAEPNFDRMLGNVYCMQIPWQEHPDHLEAWTHGRTGYPFIDAIMRQLRQEGWIHHLARHAVACFLTR
GDLWISWEEGQRVFEQLLLDQDWALNAGNWMWLSASAFFHQYFRVYSPVAFGKKTDPQGHYIRKYVPELSKYPAGCIYEP
WKASLVDQRAYGCVLGTDYPHRIVKHEVVHKENIKRMGAAYKVNREVRTGKEEESSFEEKSET
;
A
#
loop_
_chem_comp.id
_chem_comp.type
_chem_comp.name
_chem_comp.formula
5PY DNA linking 1-(2'-DEOXY-5'-O-PHOSPHONO-BETA-D-ERYTHRO-PENTOFURANOSYL)-5-METHYLPYRIMIDIN-2(1H)-ONE 'C10 H15 N2 O7 P'
64T DNA linking 5-HYDROXY-THYMIDINE-5'-MONOPHOSPHATE 'C10 H17 N2 O9 P'
DA DNA linking 2'-DEOXYADENOSINE-5'-MONOPHOSPHATE 'C10 H14 N5 O6 P'
DC DNA linking 2'-DEOXYCYTIDINE-5'-MONOPHOSPHATE 'C9 H14 N3 O7 P'
DG DNA linking 2'-DEOXYGUANOSINE-5'-MONOPHOSPHATE 'C10 H14 N5 O7 P'
DT DNA linking THYMIDINE-5'-MONOPHOSPHATE 'C10 H15 N2 O8 P'
EDO non-polymer 1,2-ETHANEDIOL 'C2 H6 O2'
FAD non-polymer 'FLAVIN-ADENINE DINUCLEOTIDE' 'C27 H33 N9 O15 P2'
FO1 non-polymer 1-deoxy-1-(8-hydroxy-2,4-dioxo-3,4-dihydropyrimido[4,5-b]quinolin-10(2H)-yl)-D-ribitol 'C16 H17 N3 O7'
#
# COMPACT_ATOMS: atom_id res chain seq x y z
P 64T A 8 -15.46 -13.98 6.72
OP1 64T A 8 -14.00 -14.05 6.69
OP2 64T A 8 -16.12 -13.49 7.96
O5' 64T A 8 -16.03 -13.18 5.47
C5' 64T A 8 -15.61 -13.49 4.14
C4' 64T A 8 -16.31 -12.58 3.15
O4' 64T A 8 -15.62 -11.31 3.06
C3' 64T A 8 -16.34 -13.03 1.69
O3' 64T A 8 -17.30 -14.08 1.47
C2' 64T A 8 -16.70 -11.73 0.99
C1' 64T A 8 -16.02 -10.67 1.87
N1 64T A 8 -14.79 -9.97 1.32
C2 64T A 8 -14.87 -8.67 1.09
O2 64T A 8 -15.90 -7.97 1.21
N3 64T A 8 -13.76 -8.00 0.61
C4 64T A 8 -12.54 -8.59 0.38
O4 64T A 8 -11.62 -7.89 -0.05
C5 64T A 8 -12.33 -9.97 1.00
C5M 64T A 8 -11.94 -9.85 2.47
O5 64T A 8 -11.31 -10.61 0.25
C6 64T A 8 -13.64 -10.80 0.88
P 5PY A 9 -16.83 -15.47 0.82
OP2 5PY A 9 -15.49 -15.88 1.29
OP1 5PY A 9 -17.97 -16.39 0.98
O5' 5PY A 9 -16.64 -15.05 -0.71
C5' 5PY A 9 -17.76 -14.97 -1.56
C4' 5PY A 9 -17.37 -14.45 -2.94
O4' 5PY A 9 -17.06 -13.04 -2.83
C1' 5PY A 9 -15.96 -12.70 -3.66
N1 5PY A 9 -14.85 -12.12 -2.82
C2 5PY A 9 -14.92 -10.81 -2.52
O2 5PY A 9 -15.51 -10.00 -3.25
N3 5PY A 9 -14.34 -10.40 -1.36
C4 5PY A 9 -13.71 -11.26 -0.57
C5 5PY A 9 -13.59 -12.60 -0.85
C5M 5PY A 9 -12.86 -13.63 -0.01
C6 5PY A 9 -14.18 -12.99 -2.01
C2' 5PY A 9 -15.56 -13.97 -4.42
C3' 5PY A 9 -16.15 -15.09 -3.57
O3' 5PY A 9 -16.54 -16.16 -4.39
N GLU C 10 9.22 54.94 17.11
CA GLU C 10 8.48 53.66 17.32
C GLU C 10 8.69 52.70 16.15
N LYS C 11 8.65 53.23 14.94
CA LYS C 11 9.03 52.48 13.75
C LYS C 11 10.52 52.11 13.82
N GLY C 12 11.34 53.05 14.27
CA GLY C 12 12.76 52.81 14.53
C GLY C 12 12.97 51.73 15.57
N ALA C 13 12.17 51.80 16.65
CA ALA C 13 12.22 50.79 17.71
C ALA C 13 11.88 49.41 17.17
N SER C 14 10.74 49.30 16.47
CA SER C 14 10.33 48.00 15.93
C SER C 14 11.37 47.44 14.96
N THR C 15 12.03 48.32 14.21
CA THR C 15 13.13 47.90 13.34
C THR C 15 14.28 47.28 14.15
N SER C 16 14.71 47.99 15.20
CA SER C 16 15.75 47.48 16.11
C SER C 16 15.40 46.11 16.69
N LEU C 17 14.12 45.92 17.04
CA LEU C 17 13.68 44.66 17.59
C LEU C 17 13.88 43.47 16.64
N TYR C 18 13.48 43.60 15.37
CA TYR C 18 13.60 42.44 14.48
C TYR C 18 15.05 42.21 14.05
N LYS C 19 15.85 43.27 13.98
CA LYS C 19 17.27 43.13 13.73
C LYS C 19 17.92 42.32 14.87
N LYS C 20 17.55 42.60 16.11
CA LYS C 20 18.13 41.88 17.26
C LYS C 20 17.70 40.41 17.27
N ALA C 21 16.43 40.16 16.98
CA ALA C 21 15.89 38.80 16.93
C ALA C 21 16.58 37.92 15.89
N GLY C 22 17.00 38.53 14.78
CA GLY C 22 17.82 37.84 13.77
C GLY C 22 19.09 37.19 14.30
N LEU C 23 19.63 37.74 15.39
CA LEU C 23 20.74 37.08 16.10
C LEU C 23 20.18 35.98 17.02
N MET C 24 19.07 36.28 17.69
CA MET C 24 18.44 35.31 18.57
C MET C 24 18.09 34.00 17.84
N ASP C 25 17.76 34.08 16.54
CA ASP C 25 17.36 32.90 15.75
C ASP C 25 18.38 31.78 15.76
N SER C 26 19.66 32.13 15.86
CA SER C 26 20.74 31.14 16.03
C SER C 26 20.56 30.26 17.27
N GLN C 27 19.81 30.73 18.26
CA GLN C 27 19.63 29.99 19.52
C GLN C 27 18.46 29.00 19.49
N ARG C 28 17.71 28.95 18.39
CA ARG C 28 16.55 28.05 18.29
C ARG C 28 16.95 26.59 18.27
N SER C 29 16.11 25.73 18.84
CA SER C 29 16.23 24.29 18.68
C SER C 29 15.30 23.88 17.55
N THR C 30 15.35 22.62 17.13
CA THR C 30 14.59 22.17 15.98
C THR C 30 13.55 21.11 16.36
N LEU C 31 12.35 21.25 15.80
CA LEU C 31 11.31 20.26 15.96
C LEU C 31 11.22 19.50 14.64
N VAL C 32 11.35 18.18 14.69
CA VAL C 32 11.35 17.36 13.47
C VAL C 32 10.11 16.49 13.40
N HIS C 33 9.39 16.54 12.28
CA HIS C 33 8.43 15.50 11.94
C HIS C 33 9.02 14.62 10.86
N TRP C 34 8.97 13.32 11.10
CA TRP C 34 9.58 12.36 10.21
C TRP C 34 8.48 11.60 9.46
N PHE C 35 8.36 11.89 8.16
CA PHE C 35 7.44 11.19 7.26
C PHE C 35 8.05 9.85 6.81
N ARG C 36 7.26 8.79 6.84
CA ARG C 36 7.66 7.50 6.24
C ARG C 36 6.44 6.99 5.47
N LYS C 37 5.40 6.62 6.21
CA LYS C 37 4.04 6.68 5.68
C LYS C 37 3.48 8.01 6.19
N GLY C 38 2.15 8.10 6.34
CA GLY C 38 1.53 9.33 6.80
C GLY C 38 1.92 10.44 5.88
N LEU C 39 1.93 10.20 4.57
CA LEU C 39 2.41 11.18 3.60
C LEU C 39 1.35 12.22 3.14
N ARG C 40 0.91 13.03 4.09
CA ARG C 40 -0.23 13.90 3.99
C ARG C 40 -0.09 14.96 5.08
N LEU C 41 -0.67 16.12 4.83
CA LEU C 41 -0.96 17.09 5.86
C LEU C 41 -2.21 16.85 6.69
N HIS C 42 -3.30 16.46 6.05
CA HIS C 42 -4.55 16.22 6.77
C HIS C 42 -4.50 15.05 7.75
N ASP C 43 -5.34 15.09 8.77
CA ASP C 43 -5.39 14.08 9.80
C ASP C 43 -4.04 13.45 10.13
N ASN C 44 -3.10 14.28 10.56
CA ASN C 44 -1.75 13.81 10.86
C ASN C 44 -1.34 14.33 12.22
N PRO C 45 -1.72 13.60 13.29
CA PRO C 45 -1.45 14.08 14.64
C PRO C 45 0.02 14.27 14.97
N ALA C 46 0.90 13.39 14.47
CA ALA C 46 2.35 13.58 14.71
C ALA C 46 2.85 14.90 14.13
N LEU C 47 2.42 15.22 12.91
CA LEU C 47 2.78 16.48 12.27
C LEU C 47 2.14 17.66 12.97
N SER C 48 0.83 17.59 13.17
CA SER C 48 0.12 18.65 13.88
C SER C 48 0.76 18.94 15.24
N HIS C 49 1.23 17.89 15.92
CA HIS C 49 1.91 18.05 17.21
C HIS C 49 3.02 19.10 17.08
N ILE C 50 3.86 18.92 16.07
CA ILE C 50 5.03 19.77 15.87
C ILE C 50 4.61 21.20 15.54
N PHE C 51 3.64 21.31 14.64
CA PHE C 51 3.16 22.61 14.19
C PHE C 51 2.45 23.37 15.33
N THR C 52 1.78 22.65 16.22
CA THR C 52 1.15 23.28 17.38
C THR C 52 2.20 23.70 18.42
N ALA C 53 3.19 22.85 18.67
CA ALA C 53 4.30 23.18 19.56
C ALA C 53 5.06 24.41 19.09
N ALA C 54 5.30 24.52 17.79
CA ALA C 54 6.04 25.65 17.23
C ALA C 54 5.25 26.96 17.37
N ASN C 55 3.97 26.90 17.06
CA ASN C 55 3.12 28.09 17.12
C ASN C 55 2.72 28.51 18.53
N ALA C 56 2.75 27.57 19.47
CA ALA C 56 2.49 27.86 20.88
C ALA C 56 3.65 28.63 21.51
N ALA C 57 4.82 28.54 20.88
CA ALA C 57 6.02 29.23 21.35
C ALA C 57 6.80 29.76 20.14
N PRO C 58 6.21 30.73 19.42
CA PRO C 58 6.81 31.20 18.19
C PRO C 58 8.09 31.97 18.48
N GLY C 59 9.15 31.67 17.73
CA GLY C 59 10.47 32.25 17.99
C GLY C 59 11.46 31.28 18.59
N ARG C 60 10.96 30.21 19.20
CA ARG C 60 11.84 29.28 19.94
C ARG C 60 12.36 28.14 19.07
N TYR C 61 11.57 27.72 18.09
CA TYR C 61 11.88 26.53 17.31
C TYR C 61 11.95 26.78 15.82
N PHE C 62 12.84 26.02 15.17
CA PHE C 62 12.72 25.75 13.74
C PHE C 62 11.94 24.44 13.56
N VAL C 63 11.24 24.34 12.42
CA VAL C 63 10.50 23.14 12.06
C VAL C 63 11.14 22.49 10.83
N ARG C 64 11.42 21.19 10.94
CA ARG C 64 11.98 20.40 9.84
C ARG C 64 11.07 19.19 9.55
N PRO C 65 10.14 19.32 8.60
CA PRO C 65 9.41 18.12 8.13
C PRO C 65 10.29 17.35 7.17
N ILE C 66 10.65 16.12 7.53
CA ILE C 66 11.64 15.36 6.77
C ILE C 66 11.09 14.03 6.22
N PHE C 67 11.60 13.64 5.06
CA PHE C 67 11.46 12.29 4.56
C PHE C 67 12.89 11.79 4.30
N ILE C 68 13.21 10.62 4.82
CA ILE C 68 14.52 10.05 4.63
C ILE C 68 14.46 9.02 3.51
N LEU C 69 15.08 9.34 2.37
CA LEU C 69 15.12 8.45 1.23
C LEU C 69 16.22 7.45 1.54
N ASP C 70 15.77 6.25 1.90
CA ASP C 70 16.50 5.27 2.67
C ASP C 70 16.91 4.12 1.76
N PRO C 71 18.21 4.01 1.46
CA PRO C 71 18.71 2.90 0.63
C PRO C 71 18.43 1.52 1.21
N GLY C 72 18.21 1.43 2.52
CA GLY C 72 17.92 0.13 3.15
C GLY C 72 16.62 -0.52 2.72
N ILE C 73 15.67 0.29 2.26
CA ILE C 73 14.38 -0.19 1.76
C ILE C 73 14.54 -1.23 0.67
N LEU C 74 15.55 -1.02 -0.17
CA LEU C 74 15.83 -1.90 -1.31
C LEU C 74 16.47 -3.24 -0.92
N ASP C 75 16.94 -3.36 0.33
CA ASP C 75 17.39 -4.65 0.85
C ASP C 75 16.20 -5.51 1.25
N TRP C 76 15.06 -4.85 1.45
CA TRP C 76 13.87 -5.51 1.98
C TRP C 76 12.73 -5.71 0.98
N MET C 77 12.58 -4.73 0.09
CA MET C 77 11.38 -4.58 -0.71
C MET C 77 11.81 -4.40 -2.17
N GLN C 78 11.17 -5.13 -3.09
CA GLN C 78 11.22 -4.80 -4.51
C GLN C 78 10.23 -3.67 -4.78
N VAL C 79 10.67 -2.67 -5.55
N VAL C 79 10.64 -2.67 -5.55
CA VAL C 79 9.84 -1.51 -5.89
CA VAL C 79 9.73 -1.59 -5.90
C VAL C 79 9.94 -1.28 -7.41
C VAL C 79 9.91 -1.27 -7.38
N GLY C 80 8.82 -1.41 -8.12
CA GLY C 80 8.81 -1.21 -9.56
C GLY C 80 8.83 0.26 -9.89
N ALA C 81 9.13 0.58 -11.14
CA ALA C 81 9.16 1.93 -11.63
C ALA C 81 7.85 2.69 -11.37
N ASN C 82 6.72 2.06 -11.62
CA ASN C 82 5.45 2.75 -11.42
C ASN C 82 5.25 3.25 -9.98
N ARG C 83 5.60 2.42 -9.00
CA ARG C 83 5.51 2.85 -7.60
C ARG C 83 6.55 3.91 -7.23
N TRP C 84 7.76 3.84 -7.78
CA TRP C 84 8.74 4.94 -7.65
C TRP C 84 8.20 6.24 -8.15
N ARG C 85 7.58 6.22 -9.32
CA ARG C 85 6.92 7.42 -9.83
C ARG C 85 5.82 7.91 -8.89
N PHE C 86 5.03 7.00 -8.34
CA PHE C 86 3.98 7.40 -7.39
C PHE C 86 4.60 8.13 -6.20
N LEU C 87 5.69 7.59 -5.66
CA LEU C 87 6.37 8.20 -4.55
C LEU C 87 6.96 9.57 -4.91
N GLN C 88 7.58 9.65 -6.09
CA GLN C 88 8.12 10.91 -6.59
C GLN C 88 7.03 11.98 -6.60
N GLN C 89 5.88 11.63 -7.16
CA GLN C 89 4.76 12.56 -7.22
C GLN C 89 4.26 12.92 -5.82
N THR C 90 4.31 11.98 -4.89
CA THR C 90 3.75 12.18 -3.55
C THR C 90 4.61 13.17 -2.75
N LEU C 91 5.91 13.01 -2.86
CA LEU C 91 6.85 13.86 -2.18
C LEU C 91 6.77 15.28 -2.73
N GLU C 92 6.62 15.41 -4.03
CA GLU C 92 6.42 16.71 -4.65
C GLU C 92 5.13 17.36 -4.15
N ASP C 93 4.03 16.61 -4.16
CA ASP C 93 2.78 17.17 -3.64
C ASP C 93 2.96 17.58 -2.17
N LEU C 94 3.65 16.75 -1.39
CA LEU C 94 3.82 16.99 0.05
C LEU C 94 4.63 18.28 0.33
N ASP C 95 5.67 18.50 -0.44
CA ASP C 95 6.44 19.73 -0.36
C ASP C 95 5.57 20.93 -0.79
N ASN C 96 4.76 20.78 -1.82
CA ASN C 96 3.81 21.83 -2.23
C ASN C 96 2.84 22.23 -1.13
N GLN C 97 2.36 21.24 -0.38
CA GLN C 97 1.41 21.51 0.69
C GLN C 97 2.10 22.13 1.89
N LEU C 98 3.29 21.65 2.22
CA LEU C 98 4.07 22.21 3.34
C LEU C 98 4.50 23.65 3.06
N ARG C 99 4.76 23.95 1.80
CA ARG C 99 5.06 25.33 1.37
C ARG C 99 3.94 26.32 1.70
N LYS C 100 2.70 25.86 1.59
CA LYS C 100 1.52 26.67 1.91
C LYS C 100 1.48 27.03 3.38
N LEU C 101 2.18 26.24 4.20
CA LEU C 101 2.21 26.46 5.65
C LEU C 101 3.47 27.18 6.12
N ASN C 102 4.17 27.83 5.19
CA ASN C 102 5.45 28.52 5.45
C ASN C 102 6.59 27.57 5.75
N SER C 103 6.45 26.32 5.30
CA SER C 103 7.46 25.30 5.53
C SER C 103 7.84 24.70 4.17
N ARG C 104 8.25 23.44 4.19
CA ARG C 104 8.71 22.72 3.02
C ARG C 104 9.06 21.32 3.48
N LEU C 105 9.31 20.44 2.53
CA LEU C 105 9.76 19.10 2.84
C LEU C 105 11.25 19.09 2.68
N PHE C 106 11.93 18.44 3.62
CA PHE C 106 13.35 18.15 3.47
C PHE C 106 13.51 16.66 3.18
N VAL C 107 13.99 16.30 1.98
CA VAL C 107 14.23 14.89 1.65
C VAL C 107 15.71 14.58 1.87
N VAL C 108 15.99 13.92 2.98
CA VAL C 108 17.36 13.62 3.37
C VAL C 108 17.71 12.25 2.85
N ARG C 109 18.75 12.19 2.04
CA ARG C 109 19.22 10.96 1.49
C ARG C 109 20.09 10.27 2.53
N GLY C 110 19.84 8.98 2.72
CA GLY C 110 20.64 8.17 3.58
C GLY C 110 19.84 7.22 4.44
N LYS C 111 20.55 6.34 5.13
CA LYS C 111 19.95 5.42 6.06
C LYS C 111 19.70 6.17 7.36
N PRO C 112 18.50 6.00 7.95
CA PRO C 112 18.14 6.60 9.23
C PRO C 112 19.20 6.46 10.31
N ALA C 113 19.74 5.26 10.49
CA ALA C 113 20.77 5.01 11.52
C ALA C 113 21.98 5.94 11.39
N GLU C 114 22.34 6.29 10.16
CA GLU C 114 23.42 7.23 9.91
C GLU C 114 22.95 8.70 9.84
N VAL C 115 21.75 8.93 9.34
CA VAL C 115 21.22 10.29 9.20
C VAL C 115 20.93 10.91 10.56
N PHE C 116 20.25 10.18 11.44
CA PHE C 116 19.78 10.77 12.69
C PHE C 116 20.89 11.24 13.65
N PRO C 117 21.96 10.45 13.84
CA PRO C 117 23.07 10.97 14.64
C PRO C 117 23.49 12.38 14.19
N ARG C 118 23.68 12.54 12.88
CA ARG C 118 24.12 13.80 12.31
C ARG C 118 23.12 14.93 12.55
N ILE C 119 21.86 14.71 12.19
CA ILE C 119 20.90 15.81 12.23
C ILE C 119 20.43 16.16 13.62
N PHE C 120 20.41 15.19 14.53
CA PHE C 120 20.15 15.49 15.94
C PHE C 120 21.16 16.52 16.46
N LYS C 121 22.44 16.30 16.14
CA LYS C 121 23.50 17.23 16.52
C LYS C 121 23.40 18.56 15.77
N SER C 122 23.47 18.52 14.43
CA SER C 122 23.60 19.76 13.68
C SER C 122 22.37 20.67 13.74
N TRP C 123 21.18 20.11 13.81
CA TRP C 123 19.94 20.90 13.89
C TRP C 123 19.53 21.19 15.33
N ARG C 124 20.27 20.64 16.29
CA ARG C 124 19.91 20.76 17.70
C ARG C 124 18.45 20.39 17.92
N VAL C 125 18.14 19.12 17.64
CA VAL C 125 16.77 18.65 17.67
C VAL C 125 16.31 18.47 19.11
N GLU C 126 15.17 19.06 19.43
CA GLU C 126 14.56 18.97 20.75
C GLU C 126 13.50 17.87 20.79
N MET C 127 12.72 17.76 19.72
CA MET C 127 11.66 16.77 19.64
C MET C 127 11.53 16.21 18.23
N LEU C 128 11.25 14.91 18.17
CA LEU C 128 11.02 14.18 16.93
C LEU C 128 9.66 13.52 17.05
N THR C 129 8.80 13.68 16.03
CA THR C 129 7.57 12.91 15.96
C THR C 129 7.48 12.08 14.70
N PHE C 130 6.73 10.99 14.80
CA PHE C 130 6.37 10.21 13.63
C PHE C 130 5.13 9.39 13.84
N GLU C 131 4.56 8.94 12.73
CA GLU C 131 3.42 8.04 12.75
C GLU C 131 3.98 6.62 12.88
N THR C 132 3.37 5.81 13.73
CA THR C 132 3.88 4.48 13.99
C THR C 132 3.49 3.54 12.87
N ASP C 133 4.23 2.45 12.78
CA ASP C 133 3.98 1.40 11.80
C ASP C 133 4.43 0.05 12.40
N ILE C 134 3.79 -1.03 11.95
CA ILE C 134 3.97 -2.34 12.55
C ILE C 134 4.84 -3.30 11.73
N GLU C 135 5.32 -2.85 10.58
CA GLU C 135 6.10 -3.71 9.68
C GLU C 135 7.45 -4.01 10.34
N PRO C 136 8.02 -5.20 10.09
CA PRO C 136 9.33 -5.54 10.67
C PRO C 136 10.44 -4.53 10.36
N TYR C 137 10.47 -4.01 9.14
CA TYR C 137 11.43 -2.99 8.80
C TYR C 137 11.28 -1.81 9.75
N SER C 138 10.04 -1.35 9.90
CA SER C 138 9.75 -0.20 10.73
C SER C 138 10.05 -0.47 12.21
N VAL C 139 9.74 -1.66 12.68
CA VAL C 139 9.98 -2.01 14.07
C VAL C 139 11.46 -1.89 14.40
N THR C 140 12.31 -2.44 13.54
CA THR C 140 13.75 -2.44 13.82
C THR C 140 14.33 -1.02 13.69
N ARG C 141 13.91 -0.33 12.64
CA ARG C 141 14.32 1.05 12.38
C ARG C 141 13.98 1.99 13.53
N ASP C 142 12.71 1.99 13.92
CA ASP C 142 12.19 2.89 14.92
C ASP C 142 12.78 2.60 16.30
N ALA C 143 12.94 1.32 16.62
CA ALA C 143 13.66 0.93 17.83
C ALA C 143 15.05 1.56 17.87
N ALA C 144 15.78 1.47 16.76
CA ALA C 144 17.12 2.04 16.71
C ALA C 144 17.11 3.56 16.86
N VAL C 145 16.12 4.22 16.25
CA VAL C 145 16.00 5.69 16.32
C VAL C 145 15.61 6.15 17.74
N GLN C 146 14.67 5.44 18.38
CA GLN C 146 14.26 5.76 19.75
C GLN C 146 15.42 5.57 20.72
N LYS C 147 16.20 4.52 20.49
CA LYS C 147 17.41 4.26 21.28
C LYS C 147 18.34 5.46 21.17
N LEU C 148 18.59 5.88 19.94
CA LEU C 148 19.46 7.01 19.67
C LEU C 148 18.94 8.33 20.24
N ALA C 149 17.64 8.57 20.12
CA ALA C 149 17.03 9.78 20.63
C ALA C 149 17.14 9.85 22.15
N LYS C 150 16.92 8.71 22.80
CA LYS C 150 17.05 8.59 24.27
C LYS C 150 18.47 8.95 24.71
N ALA C 151 19.45 8.29 24.12
CA ALA C 151 20.85 8.58 24.40
C ALA C 151 21.13 10.08 24.27
N GLU C 152 20.68 10.64 23.14
CA GLU C 152 20.99 12.02 22.77
C GLU C 152 20.07 13.06 23.44
N GLY C 153 19.12 12.61 24.26
CA GLY C 153 18.20 13.52 24.95
C GLY C 153 17.13 14.18 24.08
N VAL C 154 16.79 13.56 22.95
CA VAL C 154 15.71 14.05 22.09
C VAL C 154 14.38 13.43 22.52
N ARG C 155 13.37 14.27 22.75
CA ARG C 155 12.03 13.80 23.03
C ARG C 155 11.44 13.19 21.75
N VAL C 156 10.82 12.02 21.88
CA VAL C 156 10.14 11.37 20.75
C VAL C 156 8.70 11.13 21.14
N GLU C 157 7.76 11.65 20.33
CA GLU C 157 6.34 11.35 20.49
C GLU C 157 5.83 10.74 19.21
N THR C 158 5.28 9.53 19.32
CA THR C 158 4.73 8.82 18.17
C THR C 158 3.20 8.83 18.26
N HIS C 159 2.57 8.74 17.09
CA HIS C 159 1.11 8.70 16.99
C HIS C 159 0.70 7.55 16.07
N CYS C 160 -0.38 6.87 16.43
CA CYS C 160 -0.91 5.81 15.61
C CYS C 160 -2.03 6.39 14.78
N SER C 161 -1.77 6.60 13.49
CA SER C 161 -2.79 7.15 12.61
C SER C 161 -2.82 6.56 11.19
N HIS C 162 -2.01 5.54 10.94
CA HIS C 162 -2.01 4.88 9.62
C HIS C 162 -3.23 3.98 9.56
N THR C 163 -3.62 3.46 10.73
CA THR C 163 -4.83 2.69 10.88
C THR C 163 -5.86 3.38 11.79
N ILE C 164 -7.10 2.95 11.67
CA ILE C 164 -8.20 3.46 12.47
C ILE C 164 -8.08 2.99 13.90
N TYR C 165 -7.75 1.71 14.05
CA TYR C 165 -7.48 1.11 15.35
C TYR C 165 -6.01 0.79 15.46
N ASN C 166 -5.49 0.91 16.68
CA ASN C 166 -4.11 0.58 16.97
C ASN C 166 -4.02 -0.93 17.20
N PRO C 167 -3.25 -1.66 16.36
CA PRO C 167 -3.10 -3.12 16.52
C PRO C 167 -2.82 -3.55 17.96
N GLU C 168 -1.97 -2.77 18.64
CA GLU C 168 -1.57 -3.05 20.02
C GLU C 168 -2.77 -3.06 20.96
N LEU C 169 -3.66 -2.09 20.79
CA LEU C 169 -4.84 -1.97 21.61
C LEU C 169 -5.88 -3.00 21.27
N VAL C 170 -5.95 -3.39 19.99
CA VAL C 170 -6.85 -4.47 19.58
C VAL C 170 -6.41 -5.78 20.22
N ILE C 171 -5.12 -6.07 20.13
CA ILE C 171 -4.53 -7.27 20.70
C ILE C 171 -4.71 -7.30 22.23
N ALA C 172 -4.54 -6.13 22.86
CA ALA C 172 -4.74 -6.00 24.31
C ALA C 172 -6.19 -6.29 24.69
N LYS C 173 -7.13 -5.62 24.02
CA LYS C 173 -8.54 -5.86 24.30
C LYS C 173 -8.96 -7.31 24.06
N ASN C 174 -8.28 -8.02 23.15
CA ASN C 174 -8.57 -9.44 22.89
C ASN C 174 -7.68 -10.37 23.74
N LEU C 175 -7.34 -9.93 24.95
CA LEU C 175 -6.63 -10.75 25.94
C LEU C 175 -5.26 -11.24 25.44
N GLY C 176 -4.55 -10.37 24.71
CA GLY C 176 -3.18 -10.64 24.30
C GLY C 176 -2.99 -11.35 22.99
N LYS C 177 -4.09 -11.65 22.29
CA LYS C 177 -4.03 -12.37 21.03
C LYS C 177 -4.71 -11.55 19.93
N ALA C 178 -4.07 -11.49 18.76
CA ALA C 178 -4.67 -10.90 17.58
C ALA C 178 -5.84 -11.77 17.15
N PRO C 179 -7.03 -11.18 16.94
CA PRO C 179 -8.15 -11.97 16.39
C PRO C 179 -7.78 -12.52 15.01
N ILE C 180 -8.14 -13.78 14.75
CA ILE C 180 -7.82 -14.44 13.48
C ILE C 180 -9.06 -14.71 12.64
N THR C 181 -10.21 -14.21 13.09
CA THR C 181 -11.43 -14.24 12.30
C THR C 181 -12.01 -12.82 12.29
N TYR C 182 -12.57 -12.44 11.16
CA TYR C 182 -13.05 -11.07 10.92
C TYR C 182 -14.19 -10.65 11.86
N GLN C 183 -15.17 -11.53 12.08
CA GLN C 183 -16.29 -11.19 12.97
C GLN C 183 -15.84 -10.93 14.41
N LYS C 184 -14.90 -11.74 14.88
CA LYS C 184 -14.29 -11.58 16.19
C LYS C 184 -13.52 -10.25 16.26
N PHE C 185 -12.79 -9.93 15.21
CA PHE C 185 -12.10 -8.66 15.10
C PHE C 185 -13.10 -7.49 15.21
N LEU C 186 -14.20 -7.56 14.47
CA LEU C 186 -15.24 -6.54 14.57
C LEU C 186 -15.76 -6.41 16.02
N GLY C 187 -15.99 -7.54 16.68
CA GLY C 187 -16.50 -7.51 18.06
C GLY C 187 -15.54 -6.80 19.01
N ILE C 188 -14.24 -6.95 18.77
CA ILE C 188 -13.21 -6.29 19.55
C ILE C 188 -13.17 -4.78 19.24
N VAL C 189 -13.08 -4.41 17.96
CA VAL C 189 -12.86 -2.99 17.63
C VAL C 189 -14.08 -2.11 17.87
N GLU C 190 -15.26 -2.71 17.91
CA GLU C 190 -16.47 -2.00 18.35
C GLU C 190 -16.37 -1.47 19.79
N GLN C 191 -15.50 -2.07 20.59
CA GLN C 191 -15.27 -1.66 21.97
C GLN C 191 -14.18 -0.60 22.12
N LEU C 192 -13.53 -0.23 21.01
CA LEU C 192 -12.46 0.75 21.03
C LEU C 192 -12.95 2.08 20.50
N LYS C 193 -12.41 3.17 21.03
CA LYS C 193 -12.74 4.51 20.52
C LYS C 193 -11.82 4.86 19.38
N VAL C 194 -12.29 5.71 18.48
CA VAL C 194 -11.46 6.22 17.40
C VAL C 194 -11.08 7.64 17.73
N PRO C 195 -9.79 8.01 17.59
CA PRO C 195 -9.46 9.40 17.88
C PRO C 195 -10.15 10.38 16.93
N LYS C 196 -10.11 11.66 17.29
CA LYS C 196 -10.65 12.70 16.46
C LYS C 196 -9.81 12.78 15.18
N VAL C 197 -10.49 12.99 14.07
CA VAL C 197 -9.87 13.17 12.78
C VAL C 197 -9.52 14.64 12.68
N LEU C 198 -8.24 14.94 12.48
CA LEU C 198 -7.74 16.32 12.48
C LEU C 198 -7.77 16.94 11.08
N GLY C 199 -7.82 18.27 11.04
CA GLY C 199 -7.66 19.01 9.81
C GLY C 199 -6.17 19.19 9.53
N VAL C 200 -5.87 19.99 8.52
CA VAL C 200 -4.50 20.29 8.12
C VAL C 200 -3.94 21.23 9.19
N PRO C 201 -2.64 21.16 9.49
CA PRO C 201 -2.15 22.10 10.50
C PRO C 201 -2.22 23.57 10.07
N GLU C 202 -2.12 24.46 11.05
CA GLU C 202 -2.11 25.91 10.80
C GLU C 202 -0.76 26.35 10.17
N LYS C 203 -0.78 27.47 9.47
CA LYS C 203 0.44 28.13 9.01
C LYS C 203 1.41 28.34 10.15
N LEU C 204 2.70 28.20 9.87
CA LEU C 204 3.73 28.47 10.88
C LEU C 204 3.94 29.98 11.05
N LYS C 205 3.87 30.43 12.30
CA LYS C 205 4.16 31.84 12.62
C LYS C 205 5.63 31.99 12.99
N ASN C 206 6.23 33.13 12.65
CA ASN C 206 7.60 33.48 13.05
C ASN C 206 8.56 32.34 12.73
N MET C 207 8.56 31.90 11.49
CA MET C 207 9.34 30.74 11.12
C MET C 207 10.23 31.09 9.93
N PRO C 208 11.34 31.80 10.17
CA PRO C 208 12.33 31.96 9.11
C PRO C 208 12.87 30.60 8.72
N THR C 209 13.44 30.48 7.52
CA THR C 209 14.02 29.20 7.14
C THR C 209 15.14 28.88 8.09
N PRO C 210 15.27 27.61 8.48
CA PRO C 210 16.39 27.21 9.32
C PRO C 210 17.73 27.49 8.66
N PRO C 211 18.79 27.67 9.45
CA PRO C 211 20.13 27.84 8.91
C PRO C 211 20.63 26.56 8.24
N LYS C 212 21.44 26.72 7.22
CA LYS C 212 21.97 25.60 6.48
C LYS C 212 22.88 24.76 7.36
N ASP C 213 22.66 23.46 7.34
CA ASP C 213 23.59 22.54 7.98
C ASP C 213 24.80 22.34 7.06
N GLU C 214 25.78 21.57 7.52
CA GLU C 214 27.00 21.29 6.74
C GLU C 214 26.68 20.72 5.34
N VAL C 215 25.64 19.89 5.24
CA VAL C 215 25.23 19.33 3.96
C VAL C 215 24.67 20.41 3.02
N GLU C 216 23.76 21.23 3.56
CA GLU C 216 23.14 22.31 2.79
C GLU C 216 24.16 23.33 2.33
N GLN C 217 25.14 23.62 3.19
CA GLN C 217 26.22 24.55 2.84
C GLN C 217 27.04 24.08 1.64
N LYS C 218 27.22 22.77 1.50
CA LYS C 218 27.95 22.22 0.35
C LYS C 218 27.08 22.08 -0.90
N ASP C 219 25.77 21.89 -0.70
CA ASP C 219 24.80 21.81 -1.81
C ASP C 219 23.43 22.29 -1.28
N SER C 220 23.04 23.50 -1.68
CA SER C 220 21.79 24.11 -1.21
C SER C 220 20.56 23.28 -1.55
N ALA C 221 20.63 22.52 -2.65
CA ALA C 221 19.54 21.64 -3.07
C ALA C 221 19.59 20.21 -2.48
N ALA C 222 20.44 19.98 -1.48
CA ALA C 222 20.66 18.62 -0.92
C ALA C 222 19.40 17.93 -0.40
N TYR C 223 18.44 18.71 0.10
CA TYR C 223 17.22 18.16 0.66
C TYR C 223 15.98 18.42 -0.21
N ASP C 224 16.20 18.81 -1.47
CA ASP C 224 15.10 19.10 -2.35
C ASP C 224 14.46 17.81 -2.86
N CYS C 225 13.20 17.91 -3.28
N CYS C 225 13.21 17.92 -3.31
CA CYS C 225 12.41 16.75 -3.69
CA CYS C 225 12.47 16.76 -3.78
C CYS C 225 13.10 16.02 -4.86
C CYS C 225 13.19 16.02 -4.89
N PRO C 226 13.29 14.69 -4.76
CA PRO C 226 13.89 13.92 -5.86
C PRO C 226 13.14 14.07 -7.19
N THR C 227 13.89 14.05 -8.27
CA THR C 227 13.35 14.12 -9.62
C THR C 227 12.95 12.72 -10.08
N MET C 228 12.26 12.63 -11.20
CA MET C 228 11.96 11.34 -11.81
C MET C 228 13.23 10.57 -12.13
N LYS C 229 14.22 11.26 -12.69
CA LYS C 229 15.51 10.63 -13.03
C LYS C 229 16.23 10.07 -11.81
N GLN C 230 16.13 10.77 -10.68
CA GLN C 230 16.78 10.31 -9.45
C GLN C 230 16.13 9.07 -8.87
N LEU C 231 14.81 8.97 -9.00
CA LEU C 231 14.03 7.91 -8.33
C LEU C 231 13.67 6.72 -9.26
N VAL C 232 13.50 6.99 -10.55
CA VAL C 232 13.10 5.95 -11.49
C VAL C 232 14.30 5.61 -12.36
N LYS C 233 14.93 4.49 -12.06
CA LYS C 233 16.14 4.08 -12.74
C LYS C 233 15.85 3.26 -14.00
N ARG C 234 14.65 2.69 -14.08
CA ARG C 234 14.23 1.99 -15.29
C ARG C 234 12.91 2.54 -15.82
N PRO C 235 12.97 3.75 -16.43
CA PRO C 235 11.76 4.39 -16.91
C PRO C 235 11.12 3.65 -18.08
N GLU C 236 11.85 2.73 -18.73
CA GLU C 236 11.23 1.87 -19.76
C GLU C 236 10.13 0.98 -19.16
N GLU C 237 10.14 0.82 -17.84
CA GLU C 237 9.13 0.01 -17.14
C GLU C 237 7.91 0.82 -16.68
N LEU C 238 7.91 2.12 -16.93
CA LEU C 238 6.76 2.96 -16.62
C LEU C 238 5.60 2.71 -17.57
N GLY C 239 4.39 2.66 -17.04
CA GLY C 239 3.20 2.57 -17.87
C GLY C 239 2.40 3.85 -17.81
N PRO C 240 1.16 3.82 -18.29
CA PRO C 240 0.38 5.07 -18.26
C PRO C 240 0.15 5.53 -16.82
N ASN C 241 0.22 6.83 -16.59
CA ASN C 241 0.14 7.39 -15.24
C ASN C 241 -1.31 7.57 -14.81
N LYS C 242 -2.01 6.43 -14.69
CA LYS C 242 -3.43 6.44 -14.37
C LYS C 242 -3.74 6.91 -12.96
N PHE C 243 -2.82 6.72 -12.03
CA PHE C 243 -3.08 7.05 -10.62
C PHE C 243 -1.93 7.92 -10.11
N PRO C 244 -2.04 9.24 -10.33
CA PRO C 244 -0.99 10.14 -9.88
C PRO C 244 -0.85 10.14 -8.36
N GLY C 245 0.38 10.27 -7.89
CA GLY C 245 0.64 10.24 -6.46
C GLY C 245 0.19 11.49 -5.74
N GLY C 246 0.03 11.37 -4.42
CA GLY C 246 -0.05 12.51 -3.54
C GLY C 246 -1.38 12.66 -2.86
N GLU C 247 -1.36 13.43 -1.78
CA GLU C 247 -2.54 13.74 -0.95
C GLU C 247 -3.61 14.53 -1.72
N THR C 248 -3.17 15.47 -2.57
CA THR C 248 -4.12 16.28 -3.34
C THR C 248 -4.99 15.36 -4.22
N GLU C 249 -4.33 14.51 -4.99
CA GLU C 249 -5.02 13.49 -5.79
C GLU C 249 -5.83 12.50 -4.95
N ALA C 250 -5.28 12.11 -3.79
CA ALA C 250 -5.98 11.24 -2.87
C ALA C 250 -7.35 11.79 -2.50
N LEU C 251 -7.36 13.06 -2.09
CA LEU C 251 -8.57 13.73 -1.62
C LEU C 251 -9.58 13.96 -2.74
N ARG C 252 -9.08 14.34 -3.92
CA ARG C 252 -9.91 14.50 -5.11
C ARG C 252 -10.60 13.17 -5.46
N ARG C 253 -9.81 12.10 -5.49
CA ARG C 253 -10.32 10.78 -5.80
C ARG C 253 -11.35 10.34 -4.74
N MET C 254 -11.03 10.53 -3.47
CA MET C 254 -12.00 10.16 -2.44
C MET C 254 -13.32 10.90 -2.59
N GLU C 255 -13.27 12.22 -2.79
CA GLU C 255 -14.49 13.02 -2.94
C GLU C 255 -15.28 12.61 -4.16
N GLU C 256 -14.59 12.28 -5.24
CA GLU C 256 -15.23 11.76 -6.44
C GLU C 256 -15.88 10.40 -6.17
N SER C 257 -15.14 9.52 -5.51
CA SER C 257 -15.64 8.18 -5.17
C SER C 257 -16.84 8.21 -4.22
N LEU C 258 -16.93 9.25 -3.39
CA LEU C 258 -18.02 9.40 -2.41
C LEU C 258 -19.24 10.18 -2.96
N LYS C 259 -19.14 10.67 -4.18
CA LYS C 259 -20.17 11.55 -4.73
C LYS C 259 -21.54 10.84 -4.86
N ASP C 260 -21.52 9.58 -5.28
CA ASP C 260 -22.73 8.78 -5.41
C ASP C 260 -22.96 8.05 -4.11
N GLU C 261 -23.75 8.65 -3.24
CA GLU C 261 -23.98 8.08 -1.91
C GLU C 261 -24.81 6.81 -1.93
N ILE C 262 -25.66 6.63 -2.95
CA ILE C 262 -26.40 5.37 -3.11
C ILE C 262 -25.41 4.26 -3.50
N TRP C 263 -24.49 4.55 -4.42
CA TRP C 263 -23.44 3.61 -4.79
C TRP C 263 -22.61 3.24 -3.56
N VAL C 264 -22.24 4.23 -2.77
CA VAL C 264 -21.49 4.00 -1.54
C VAL C 264 -22.29 3.17 -0.56
N ALA C 265 -23.54 3.56 -0.32
CA ALA C 265 -24.40 2.92 0.68
C ALA C 265 -24.64 1.46 0.37
N ARG C 266 -24.82 1.14 -0.92
CA ARG C 266 -25.13 -0.21 -1.37
C ARG C 266 -23.92 -1.07 -1.74
N PHE C 267 -22.72 -0.51 -1.59
CA PHE C 267 -21.48 -1.19 -1.98
C PHE C 267 -21.39 -2.61 -1.41
N GLU C 268 -21.20 -3.59 -2.28
CA GLU C 268 -20.83 -4.95 -1.86
C GLU C 268 -19.66 -5.44 -2.71
N LYS C 269 -18.52 -5.66 -2.06
CA LYS C 269 -17.28 -5.99 -2.76
C LYS C 269 -17.46 -7.15 -3.78
N PRO C 270 -18.08 -8.27 -3.36
CA PRO C 270 -18.30 -9.40 -4.27
C PRO C 270 -19.08 -9.10 -5.54
N ASN C 271 -19.85 -8.02 -5.55
CA ASN C 271 -20.61 -7.66 -6.73
C ASN C 271 -19.86 -6.68 -7.64
N THR C 272 -18.59 -6.39 -7.37
CA THR C 272 -17.83 -5.46 -8.21
C THR C 272 -16.97 -6.28 -9.19
N ALA C 273 -16.91 -5.79 -10.43
CA ALA C 273 -16.27 -6.55 -11.51
C ALA C 273 -14.73 -6.47 -11.45
N PRO C 274 -14.05 -7.62 -11.67
CA PRO C 274 -12.59 -7.65 -11.75
C PRO C 274 -12.03 -7.19 -13.08
N ASN C 275 -12.88 -7.14 -14.10
CA ASN C 275 -12.49 -6.93 -15.48
C ASN C 275 -13.32 -5.86 -16.19
N SER C 276 -13.92 -4.95 -15.44
CA SER C 276 -14.46 -3.74 -16.05
C SER C 276 -13.23 -2.94 -16.50
N LEU C 277 -13.33 -2.25 -17.61
CA LEU C 277 -12.17 -1.55 -18.16
C LEU C 277 -11.83 -0.36 -17.27
N GLU C 278 -12.85 0.28 -16.68
CA GLU C 278 -12.65 1.24 -15.60
C GLU C 278 -12.84 0.54 -14.26
N PRO C 279 -12.06 0.96 -13.25
CA PRO C 279 -12.15 0.37 -11.91
C PRO C 279 -13.58 0.35 -11.35
N SER C 280 -13.98 -0.80 -10.81
CA SER C 280 -15.33 -0.95 -10.22
C SER C 280 -15.31 -0.57 -8.74
N THR C 281 -14.12 -0.31 -8.20
CA THR C 281 -13.95 0.06 -6.81
C THR C 281 -13.27 1.44 -6.75
N THR C 282 -12.81 1.88 -5.58
CA THR C 282 -12.43 3.28 -5.39
C THR C 282 -11.03 3.64 -5.91
N VAL C 283 -10.17 2.62 -6.00
CA VAL C 283 -8.71 2.76 -6.19
C VAL C 283 -8.13 3.83 -5.27
N LEU C 284 -8.51 3.75 -4.01
CA LEU C 284 -7.88 4.60 -3.01
C LEU C 284 -6.72 3.89 -2.35
N SER C 285 -6.49 2.63 -2.73
CA SER C 285 -5.50 1.78 -2.04
C SER C 285 -4.06 2.29 -2.04
N PRO C 286 -3.58 2.83 -3.19
CA PRO C 286 -2.22 3.39 -3.15
C PRO C 286 -2.11 4.57 -2.20
N TYR C 287 -3.17 5.39 -2.15
CA TYR C 287 -3.20 6.59 -1.33
C TYR C 287 -3.25 6.18 0.14
N LEU C 288 -4.02 5.13 0.44
CA LEU C 288 -4.10 4.62 1.80
C LEU C 288 -2.79 3.97 2.17
N LYS C 289 -2.17 3.29 1.20
CA LYS C 289 -0.91 2.61 1.44
C LYS C 289 0.21 3.58 1.81
N PHE C 290 0.33 4.69 1.07
CA PHE C 290 1.38 5.67 1.33
C PHE C 290 1.02 6.68 2.42
N GLY C 291 -0.26 6.70 2.80
CA GLY C 291 -0.76 7.64 3.79
C GLY C 291 -1.09 8.99 3.20
N CYS C 292 -1.25 9.03 1.88
CA CYS C 292 -1.71 10.21 1.17
C CYS C 292 -3.17 10.49 1.52
N LEU C 293 -3.89 9.43 1.85
CA LEU C 293 -5.24 9.54 2.37
C LEU C 293 -5.28 8.93 3.75
N SER C 294 -5.84 9.67 4.69
CA SER C 294 -6.11 9.14 6.02
C SER C 294 -7.22 8.08 5.96
N ALA C 295 -6.92 6.87 6.44
CA ALA C 295 -7.96 5.83 6.58
C ALA C 295 -9.09 6.30 7.51
N ARG C 296 -8.72 7.09 8.50
CA ARG C 296 -9.65 7.53 9.55
C ARG C 296 -10.60 8.58 8.98
N LEU C 297 -10.08 9.47 8.12
CA LEU C 297 -10.94 10.43 7.42
C LEU C 297 -11.90 9.74 6.45
N PHE C 298 -11.40 8.77 5.69
CA PHE C 298 -12.22 8.04 4.74
C PHE C 298 -13.36 7.33 5.48
N ASN C 299 -13.01 6.68 6.58
CA ASN C 299 -13.97 6.04 7.48
C ASN C 299 -15.02 7.03 8.00
N GLN C 300 -14.55 8.20 8.40
CA GLN C 300 -15.42 9.26 8.88
C GLN C 300 -16.40 9.71 7.80
N LYS C 301 -15.89 9.89 6.59
CA LYS C 301 -16.73 10.23 5.44
C LYS C 301 -17.80 9.17 5.11
N LEU C 302 -17.39 7.90 5.11
CA LEU C 302 -18.32 6.79 4.92
C LEU C 302 -19.43 6.79 5.99
N LYS C 303 -19.03 6.98 7.25
CA LYS C 303 -19.99 7.06 8.36
C LYS C 303 -21.00 8.19 8.20
N GLU C 304 -20.58 9.32 7.66
CA GLU C 304 -21.49 10.42 7.41
C GLU C 304 -22.52 9.99 6.39
N ILE C 305 -22.05 9.30 5.35
CA ILE C 305 -22.92 8.83 4.27
C ILE C 305 -23.92 7.82 4.81
N ILE C 306 -23.44 6.92 5.66
CA ILE C 306 -24.27 5.90 6.27
C ILE C 306 -25.40 6.50 7.16
N LYS C 307 -25.14 7.62 7.82
CA LYS C 307 -26.16 8.34 8.59
C LYS C 307 -27.33 8.77 7.69
N ARG C 308 -26.97 9.28 6.52
CA ARG C 308 -27.92 9.76 5.55
C ARG C 308 -28.58 8.63 4.79
N GLN C 309 -27.95 7.45 4.75
CA GLN C 309 -28.49 6.28 4.06
C GLN C 309 -28.56 5.13 5.03
N PRO C 310 -29.56 5.15 5.94
CA PRO C 310 -29.65 4.10 6.95
C PRO C 310 -29.94 2.71 6.37
N LYS C 311 -30.35 2.64 5.10
CA LYS C 311 -30.36 1.38 4.35
C LYS C 311 -29.05 1.25 3.59
N HIS C 312 -28.15 0.45 4.14
CA HIS C 312 -26.80 0.31 3.60
C HIS C 312 -26.28 -1.09 3.85
N SER C 313 -25.30 -1.48 3.06
CA SER C 313 -24.61 -2.73 3.25
C SER C 313 -23.79 -2.67 4.53
N GLN C 314 -23.49 -3.86 5.06
CA GLN C 314 -22.68 -4.03 6.25
C GLN C 314 -21.38 -4.82 5.96
N PRO C 315 -20.40 -4.74 6.88
CA PRO C 315 -19.28 -5.68 6.81
C PRO C 315 -19.80 -7.13 6.72
N PRO C 316 -19.04 -8.00 6.06
CA PRO C 316 -17.72 -7.79 5.47
C PRO C 316 -17.71 -7.06 4.15
N VAL C 317 -18.86 -7.00 3.44
CA VAL C 317 -18.88 -6.58 2.04
C VAL C 317 -18.97 -5.06 1.78
N SER C 318 -19.37 -4.29 2.78
CA SER C 318 -19.56 -2.83 2.62
C SER C 318 -18.22 -2.11 2.48
N LEU C 319 -18.24 -0.82 2.17
CA LEU C 319 -16.99 -0.05 2.04
C LEU C 319 -16.27 0.12 3.35
N ILE C 320 -17.02 0.42 4.42
CA ILE C 320 -16.46 0.40 5.75
C ILE C 320 -15.87 -0.98 6.01
N GLY C 321 -16.58 -2.03 5.57
CA GLY C 321 -16.11 -3.39 5.69
C GLY C 321 -14.71 -3.57 5.10
N GLN C 322 -14.46 -2.99 3.93
CA GLN C 322 -13.15 -3.11 3.27
C GLN C 322 -12.04 -2.44 4.09
N LEU C 323 -12.32 -1.26 4.62
CA LEU C 323 -11.41 -0.61 5.57
C LEU C 323 -11.12 -1.48 6.80
N MET C 324 -12.15 -2.17 7.26
CA MET C 324 -12.00 -3.07 8.40
C MET C 324 -11.13 -4.30 8.07
N TRP C 325 -11.21 -4.79 6.83
CA TRP C 325 -10.29 -5.83 6.38
C TRP C 325 -8.84 -5.38 6.46
N ARG C 326 -8.59 -4.13 6.02
CA ARG C 326 -7.29 -3.53 6.14
C ARG C 326 -6.86 -3.55 7.59
N GLU C 327 -7.74 -3.11 8.48
CA GLU C 327 -7.46 -3.08 9.91
C GLU C 327 -7.19 -4.48 10.46
N PHE C 328 -8.02 -5.43 10.02
CA PHE C 328 -7.89 -6.82 10.40
C PHE C 328 -6.49 -7.35 10.13
N TYR C 329 -6.01 -7.12 8.91
CA TYR C 329 -4.76 -7.67 8.43
C TYR C 329 -3.58 -6.97 9.07
N TYR C 330 -3.66 -5.65 9.19
CA TYR C 330 -2.81 -4.91 10.10
C TYR C 330 -2.62 -5.48 11.50
N THR C 331 -3.70 -5.88 12.17
CA THR C 331 -3.60 -6.42 13.50
C THR C 331 -2.91 -7.80 13.51
N VAL C 332 -3.34 -8.72 12.64
CA VAL C 332 -2.69 -10.05 12.62
C VAL C 332 -1.21 -9.93 12.21
N ALA C 333 -0.93 -9.02 11.28
CA ALA C 333 0.45 -8.79 10.86
C ALA C 333 1.26 -8.15 12.01
N ALA C 334 0.67 -7.28 12.80
CA ALA C 334 1.43 -6.69 13.89
C ALA C 334 2.00 -7.74 14.84
N ALA C 335 1.31 -8.87 14.96
CA ALA C 335 1.60 -9.87 15.97
C ALA C 335 2.63 -10.91 15.53
N GLU C 336 3.03 -10.82 14.27
CA GLU C 336 3.77 -11.90 13.59
C GLU C 336 4.72 -11.32 12.56
N PRO C 337 5.98 -11.04 12.95
CA PRO C 337 6.96 -10.50 11.98
C PRO C 337 7.25 -11.37 10.75
N ASN C 338 7.00 -12.67 10.83
CA ASN C 338 7.14 -13.58 9.70
C ASN C 338 5.85 -13.73 8.90
N PHE C 339 4.99 -12.73 8.98
CA PHE C 339 3.70 -12.73 8.30
C PHE C 339 3.88 -12.99 6.81
N ASP C 340 5.00 -12.55 6.24
CA ASP C 340 5.26 -12.60 4.81
C ASP C 340 5.98 -13.86 4.31
N ARG C 341 6.09 -14.89 5.18
CA ARG C 341 6.70 -16.20 4.84
C ARG C 341 5.82 -17.32 5.35
N MET C 342 6.01 -18.51 4.80
CA MET C 342 5.30 -19.69 5.28
C MET C 342 5.95 -20.22 6.57
N LEU C 343 7.25 -20.45 6.50
CA LEU C 343 8.00 -20.99 7.64
C LEU C 343 8.07 -20.01 8.80
N GLY C 344 7.75 -20.49 10.00
CA GLY C 344 7.79 -19.66 11.20
C GLY C 344 6.65 -18.66 11.33
N ASN C 345 5.67 -18.77 10.45
CA ASN C 345 4.48 -17.92 10.48
C ASN C 345 3.39 -18.68 11.23
N VAL C 346 3.02 -18.18 12.41
CA VAL C 346 2.09 -18.87 13.28
C VAL C 346 0.70 -19.12 12.68
N TYR C 347 0.31 -18.31 11.71
CA TYR C 347 -1.00 -18.42 11.11
C TYR C 347 -1.05 -19.38 9.96
N CYS C 348 0.12 -19.69 9.41
CA CYS C 348 0.21 -20.23 8.05
C CYS C 348 0.31 -21.75 7.99
N MET C 349 -0.58 -22.34 7.19
CA MET C 349 -0.51 -23.74 6.85
C MET C 349 0.83 -24.01 6.14
N GLN C 350 1.50 -25.08 6.57
CA GLN C 350 2.71 -25.54 5.93
C GLN C 350 2.31 -26.46 4.78
N ILE C 351 2.56 -25.98 3.56
CA ILE C 351 2.11 -26.60 2.32
C ILE C 351 3.35 -26.79 1.44
N PRO C 352 3.57 -28.02 0.93
CA PRO C 352 4.78 -28.31 0.16
C PRO C 352 4.66 -27.80 -1.28
N TRP C 353 4.76 -26.48 -1.44
CA TRP C 353 4.67 -25.86 -2.75
C TRP C 353 5.86 -26.35 -3.57
N GLN C 354 5.69 -26.42 -4.89
CA GLN C 354 6.78 -26.83 -5.79
C GLN C 354 7.46 -25.60 -6.37
N GLU C 355 8.74 -25.69 -6.65
CA GLU C 355 9.40 -24.69 -7.47
C GLU C 355 9.30 -25.09 -8.92
N HIS C 356 8.95 -24.15 -9.78
CA HIS C 356 8.85 -24.39 -11.21
C HIS C 356 9.18 -23.07 -11.92
N PRO C 357 10.48 -22.80 -12.15
CA PRO C 357 10.94 -21.55 -12.74
C PRO C 357 10.23 -21.11 -14.02
N ASP C 358 9.95 -22.04 -14.93
CA ASP C 358 9.32 -21.69 -16.21
C ASP C 358 7.86 -21.26 -16.01
N HIS C 359 7.14 -21.94 -15.14
CA HIS C 359 5.72 -21.59 -14.88
C HIS C 359 5.60 -20.28 -14.14
N LEU C 360 6.49 -20.05 -13.17
CA LEU C 360 6.51 -18.77 -12.46
C LEU C 360 6.77 -17.61 -13.42
N GLU C 361 7.73 -17.81 -14.32
CA GLU C 361 8.06 -16.80 -15.30
C GLU C 361 6.88 -16.49 -16.21
N ALA C 362 6.23 -17.55 -16.67
CA ALA C 362 5.07 -17.44 -17.54
C ALA C 362 3.97 -16.66 -16.85
N TRP C 363 3.70 -16.99 -15.57
CA TRP C 363 2.67 -16.29 -14.79
C TRP C 363 3.06 -14.82 -14.58
N THR C 364 4.31 -14.62 -14.18
CA THR C 364 4.88 -13.29 -13.89
C THR C 364 4.70 -12.32 -15.04
N HIS C 365 4.90 -12.82 -16.26
CA HIS C 365 4.85 -12.00 -17.46
C HIS C 365 3.57 -12.16 -18.26
N GLY C 366 2.57 -12.78 -17.65
CA GLY C 366 1.28 -12.90 -18.30
C GLY C 366 1.42 -13.65 -19.61
N ARG C 367 2.12 -14.79 -19.57
CA ARG C 367 2.24 -15.66 -20.72
C ARG C 367 1.86 -17.11 -20.34
N THR C 368 0.82 -17.27 -19.51
CA THR C 368 0.34 -18.59 -19.10
C THR C 368 -0.43 -19.34 -20.21
N GLY C 369 -0.93 -18.58 -21.20
CA GLY C 369 -1.82 -19.13 -22.20
C GLY C 369 -3.27 -19.18 -21.76
N TYR C 370 -3.58 -18.74 -20.53
CA TYR C 370 -4.96 -18.46 -20.12
C TYR C 370 -5.21 -16.96 -20.29
N PRO C 371 -5.99 -16.57 -21.31
CA PRO C 371 -6.15 -15.14 -21.63
C PRO C 371 -6.59 -14.25 -20.49
N PHE C 372 -7.50 -14.72 -19.67
CA PHE C 372 -7.99 -13.93 -18.54
C PHE C 372 -6.86 -13.63 -17.57
N ILE C 373 -6.14 -14.68 -17.21
CA ILE C 373 -5.00 -14.57 -16.28
C ILE C 373 -3.94 -13.67 -16.88
N ASP C 374 -3.70 -13.83 -18.19
CA ASP C 374 -2.64 -13.10 -18.84
C ASP C 374 -3.00 -11.61 -18.95
N ALA C 375 -4.25 -11.33 -19.32
CA ALA C 375 -4.76 -9.97 -19.33
C ALA C 375 -4.51 -9.26 -17.99
N ILE C 376 -4.82 -9.94 -16.88
CA ILE C 376 -4.69 -9.35 -15.54
C ILE C 376 -3.24 -9.07 -15.22
N MET C 377 -2.38 -10.04 -15.47
CA MET C 377 -0.98 -9.90 -15.14
C MET C 377 -0.31 -8.79 -15.95
N ARG C 378 -0.80 -8.58 -17.17
CA ARG C 378 -0.29 -7.50 -18.01
C ARG C 378 -0.81 -6.14 -17.55
N GLN C 379 -2.08 -6.06 -17.18
CA GLN C 379 -2.61 -4.81 -16.62
C GLN C 379 -1.83 -4.40 -15.38
N LEU C 380 -1.65 -5.35 -14.47
CA LEU C 380 -0.85 -5.15 -13.27
C LEU C 380 0.55 -4.58 -13.59
N ARG C 381 1.25 -5.21 -14.52
CA ARG C 381 2.61 -4.76 -14.87
C ARG C 381 2.56 -3.37 -15.46
N GLN C 382 1.62 -3.14 -16.36
CA GLN C 382 1.55 -1.85 -17.05
C GLN C 382 1.10 -0.71 -16.14
N GLU C 383 0.07 -0.97 -15.34
CA GLU C 383 -0.62 0.10 -14.63
C GLU C 383 -0.43 0.11 -13.12
N GLY C 384 -0.08 -1.03 -12.53
CA GLY C 384 0.21 -1.11 -11.09
C GLY C 384 -1.00 -1.20 -10.17
N TRP C 385 -2.18 -1.37 -10.75
CA TRP C 385 -3.38 -1.65 -9.98
C TRP C 385 -4.21 -2.65 -10.77
N ILE C 386 -4.72 -3.65 -10.07
CA ILE C 386 -5.74 -4.54 -10.60
C ILE C 386 -6.77 -4.73 -9.52
N HIS C 387 -8.01 -5.00 -9.92
CA HIS C 387 -9.12 -5.20 -9.01
C HIS C 387 -8.89 -6.41 -8.11
N HIS C 388 -9.45 -6.34 -6.91
CA HIS C 388 -9.33 -7.36 -5.89
C HIS C 388 -9.60 -8.77 -6.43
N LEU C 389 -10.69 -8.95 -7.15
CA LEU C 389 -11.05 -10.29 -7.67
C LEU C 389 -10.21 -10.72 -8.87
N ALA C 390 -9.59 -9.75 -9.56
CA ALA C 390 -8.54 -10.04 -10.54
C ALA C 390 -7.31 -10.58 -9.80
N ARG C 391 -7.00 -9.99 -8.65
CA ARG C 391 -5.94 -10.52 -7.80
C ARG C 391 -6.26 -11.95 -7.34
N HIS C 392 -7.53 -12.19 -6.99
CA HIS C 392 -7.98 -13.51 -6.59
C HIS C 392 -7.70 -14.51 -7.69
N ALA C 393 -8.12 -14.15 -8.90
CA ALA C 393 -7.97 -15.04 -10.05
C ALA C 393 -6.51 -15.47 -10.27
N VAL C 394 -5.61 -14.51 -10.30
CA VAL C 394 -4.20 -14.80 -10.62
C VAL C 394 -3.46 -15.44 -9.45
N ALA C 395 -3.86 -15.09 -8.22
CA ALA C 395 -3.23 -15.65 -7.04
C ALA C 395 -3.66 -17.11 -6.81
N CYS C 396 -4.95 -17.39 -6.97
CA CYS C 396 -5.43 -18.76 -6.96
C CYS C 396 -4.75 -19.60 -8.05
N PHE C 397 -4.65 -19.06 -9.25
CA PHE C 397 -4.00 -19.75 -10.38
C PHE C 397 -2.58 -20.15 -10.02
N LEU C 398 -1.81 -19.19 -9.50
CA LEU C 398 -0.42 -19.44 -9.17
C LEU C 398 -0.25 -20.48 -8.08
N THR C 399 -1.13 -20.45 -7.09
CA THR C 399 -0.91 -21.25 -5.90
C THR C 399 -1.71 -22.56 -5.92
N ARG C 400 -2.79 -22.63 -5.15
CA ARG C 400 -3.52 -23.89 -5.00
C ARG C 400 -4.32 -24.29 -6.23
N GLY C 401 -4.70 -23.32 -7.05
CA GLY C 401 -5.59 -23.59 -8.17
C GLY C 401 -4.93 -24.38 -9.27
N ASP C 402 -3.77 -23.91 -9.73
CA ASP C 402 -3.17 -24.49 -10.94
C ASP C 402 -1.68 -24.80 -10.84
N LEU C 403 -0.85 -23.80 -10.56
CA LEU C 403 0.61 -24.00 -10.71
C LEU C 403 1.28 -24.61 -9.49
N TRP C 404 0.61 -24.57 -8.32
CA TRP C 404 1.19 -25.13 -7.10
C TRP C 404 2.54 -24.49 -6.73
N ILE C 405 2.65 -23.19 -6.99
CA ILE C 405 3.83 -22.42 -6.64
C ILE C 405 3.53 -21.64 -5.37
N SER C 406 4.54 -21.46 -4.53
CA SER C 406 4.34 -20.77 -3.25
C SER C 406 3.74 -19.38 -3.42
N TRP C 407 2.85 -19.04 -2.51
CA TRP C 407 2.29 -17.71 -2.43
C TRP C 407 3.36 -16.63 -2.25
N GLU C 408 4.50 -17.00 -1.65
CA GLU C 408 5.60 -16.08 -1.45
C GLU C 408 6.21 -15.56 -2.77
N GLU C 409 6.18 -16.40 -3.80
CA GLU C 409 6.67 -16.01 -5.12
C GLU C 409 5.68 -15.05 -5.81
N GLY C 410 4.39 -15.27 -5.62
CA GLY C 410 3.38 -14.34 -6.13
C GLY C 410 3.43 -13.00 -5.42
N GLN C 411 3.54 -13.07 -4.09
CA GLN C 411 3.79 -11.92 -3.25
C GLN C 411 4.91 -11.01 -3.76
N ARG C 412 6.02 -11.63 -4.14
CA ARG C 412 7.18 -10.92 -4.67
CA ARG C 412 7.18 -10.93 -4.67
C ARG C 412 6.83 -10.13 -5.94
N VAL C 413 6.07 -10.74 -6.82
CA VAL C 413 5.72 -10.09 -8.07
C VAL C 413 4.78 -8.90 -7.82
N PHE C 414 3.74 -9.14 -7.02
CA PHE C 414 2.80 -8.09 -6.63
C PHE C 414 3.55 -6.96 -5.93
N GLU C 415 4.51 -7.33 -5.10
CA GLU C 415 5.27 -6.36 -4.32
C GLU C 415 6.00 -5.38 -5.23
N GLN C 416 6.54 -5.90 -6.31
CA GLN C 416 7.20 -5.07 -7.30
C GLN C 416 6.19 -4.19 -8.07
N LEU C 417 5.13 -4.81 -8.54
CA LEU C 417 4.26 -4.17 -9.54
C LEU C 417 3.15 -3.29 -9.00
N LEU C 418 2.67 -3.56 -7.78
CA LEU C 418 1.55 -2.80 -7.20
C LEU C 418 1.94 -1.41 -6.73
N LEU C 419 1.13 -0.41 -7.07
CA LEU C 419 1.27 0.94 -6.49
C LEU C 419 0.88 0.91 -5.01
N ASP C 420 -0.07 0.04 -4.67
CA ASP C 420 -0.59 -0.13 -3.31
C ASP C 420 0.11 -1.18 -2.47
N GLN C 421 1.26 -1.67 -2.94
CA GLN C 421 2.06 -2.66 -2.21
C GLN C 421 2.08 -2.38 -0.72
N ASP C 422 1.51 -3.31 0.04
CA ASP C 422 1.41 -3.15 1.48
C ASP C 422 1.82 -4.47 2.12
N TRP C 423 2.81 -4.41 3.00
CA TRP C 423 3.42 -5.62 3.54
C TRP C 423 2.37 -6.56 4.14
N ALA C 424 1.57 -6.01 5.03
CA ALA C 424 0.56 -6.77 5.74
C ALA C 424 -0.55 -7.24 4.80
N LEU C 425 -1.03 -6.35 3.94
CA LEU C 425 -2.18 -6.65 3.11
C LEU C 425 -1.86 -7.67 2.00
N ASN C 426 -0.68 -7.52 1.41
CA ASN C 426 -0.21 -8.40 0.36
C ASN C 426 -0.01 -9.80 0.97
N ALA C 427 0.67 -9.88 2.11
CA ALA C 427 0.92 -11.18 2.74
C ALA C 427 -0.39 -11.83 3.17
N GLY C 428 -1.26 -11.05 3.82
CA GLY C 428 -2.51 -11.56 4.33
C GLY C 428 -3.39 -12.13 3.25
N ASN C 429 -3.54 -11.40 2.16
CA ASN C 429 -4.38 -11.83 1.05
C ASN C 429 -3.78 -12.97 0.24
N TRP C 430 -2.44 -13.01 0.13
CA TRP C 430 -1.78 -14.16 -0.51
C TRP C 430 -2.00 -15.45 0.29
N MET C 431 -2.02 -15.35 1.60
CA MET C 431 -2.34 -16.51 2.43
C MET C 431 -3.80 -16.92 2.29
N TRP C 432 -4.67 -15.92 2.26
CA TRP C 432 -6.09 -16.16 2.02
C TRP C 432 -6.26 -16.93 0.74
N LEU C 433 -5.75 -16.36 -0.36
CA LEU C 433 -5.98 -16.95 -1.69
C LEU C 433 -5.37 -18.34 -1.91
N SER C 434 -4.23 -18.59 -1.27
CA SER C 434 -3.61 -19.92 -1.31
C SER C 434 -4.20 -20.85 -0.25
N ALA C 435 -5.22 -20.38 0.48
CA ALA C 435 -5.83 -21.15 1.56
C ALA C 435 -4.77 -21.60 2.58
N SER C 436 -3.84 -20.69 2.86
CA SER C 436 -2.78 -20.92 3.86
C SER C 436 -3.20 -20.44 5.23
N ALA C 437 -4.06 -19.41 5.25
CA ALA C 437 -4.58 -18.83 6.47
C ALA C 437 -5.84 -18.07 6.16
N PHE C 438 -6.70 -17.98 7.17
CA PHE C 438 -7.92 -17.18 7.17
C PHE C 438 -9.02 -17.74 6.31
N PHE C 439 -8.67 -18.26 5.13
CA PHE C 439 -9.61 -18.93 4.25
C PHE C 439 -9.23 -20.38 4.11
N HIS C 440 -10.19 -21.28 4.25
CA HIS C 440 -9.86 -22.72 4.30
C HIS C 440 -10.72 -23.60 3.38
N GLN C 441 -11.66 -22.99 2.66
CA GLN C 441 -12.57 -23.74 1.80
C GLN C 441 -11.97 -23.94 0.41
N TYR C 442 -10.87 -24.71 0.39
CA TYR C 442 -10.04 -24.89 -0.81
C TYR C 442 -10.70 -25.69 -1.93
N PHE C 443 -11.91 -26.20 -1.70
CA PHE C 443 -12.73 -26.82 -2.74
C PHE C 443 -13.30 -25.76 -3.70
N ARG C 444 -13.36 -24.52 -3.22
CA ARG C 444 -13.74 -23.40 -4.06
C ARG C 444 -12.50 -22.94 -4.80
N VAL C 445 -12.47 -23.18 -6.10
CA VAL C 445 -11.34 -22.87 -6.94
C VAL C 445 -11.83 -22.00 -8.07
N TYR C 446 -11.23 -20.82 -8.23
CA TYR C 446 -11.58 -19.98 -9.38
C TYR C 446 -11.20 -20.68 -10.66
N SER C 447 -12.08 -20.61 -11.65
CA SER C 447 -11.77 -21.10 -12.97
C SER C 447 -11.18 -19.98 -13.81
N PRO C 448 -9.95 -20.16 -14.32
CA PRO C 448 -9.33 -19.13 -15.17
C PRO C 448 -10.06 -18.92 -16.48
N VAL C 449 -10.85 -19.92 -16.88
CA VAL C 449 -11.71 -19.78 -18.07
C VAL C 449 -13.07 -19.12 -17.74
N ALA C 450 -13.74 -19.56 -16.68
CA ALA C 450 -15.14 -19.18 -16.43
C ALA C 450 -15.32 -17.92 -15.60
N PHE C 451 -14.40 -17.67 -14.66
CA PHE C 451 -14.63 -16.63 -13.67
C PHE C 451 -14.91 -15.23 -14.30
N GLY C 452 -14.11 -14.81 -15.29
CA GLY C 452 -14.28 -13.47 -15.89
C GLY C 452 -15.50 -13.30 -16.76
N LYS C 453 -16.02 -14.41 -17.27
CA LYS C 453 -17.14 -14.39 -18.21
C LYS C 453 -18.39 -13.75 -17.63
N LYS C 454 -18.59 -13.94 -16.33
CA LYS C 454 -19.77 -13.46 -15.62
C LYS C 454 -19.89 -11.94 -15.76
N THR C 455 -18.79 -11.22 -15.66
CA THR C 455 -18.82 -9.77 -15.73
C THR C 455 -18.39 -9.20 -17.09
N ASP C 456 -17.78 -10.02 -17.95
CA ASP C 456 -17.28 -9.57 -19.25
C ASP C 456 -17.44 -10.71 -20.25
N PRO C 457 -18.71 -11.07 -20.59
CA PRO C 457 -18.96 -12.16 -21.54
C PRO C 457 -18.34 -11.98 -22.93
N GLN C 458 -18.19 -10.74 -23.36
CA GLN C 458 -17.56 -10.44 -24.66
C GLN C 458 -16.03 -10.46 -24.63
N GLY C 459 -15.44 -10.45 -23.44
CA GLY C 459 -13.98 -10.49 -23.32
C GLY C 459 -13.28 -9.19 -23.65
N HIS C 460 -13.98 -8.07 -23.47
CA HIS C 460 -13.39 -6.75 -23.75
C HIS C 460 -12.05 -6.56 -23.02
N TYR C 461 -11.99 -6.98 -21.77
CA TYR C 461 -10.80 -6.82 -20.94
C TYR C 461 -9.61 -7.57 -21.53
N ILE C 462 -9.87 -8.79 -22.01
CA ILE C 462 -8.88 -9.62 -22.66
C ILE C 462 -8.46 -8.99 -24.00
N ARG C 463 -9.43 -8.52 -24.77
CA ARG C 463 -9.13 -7.87 -26.04
C ARG C 463 -8.22 -6.65 -25.84
N LYS C 464 -8.35 -5.96 -24.72
CA LYS C 464 -7.51 -4.79 -24.40
C LYS C 464 -6.07 -5.21 -24.02
N TYR C 465 -5.95 -6.12 -23.07
CA TYR C 465 -4.64 -6.42 -22.46
C TYR C 465 -3.88 -7.55 -23.13
N VAL C 466 -4.60 -8.35 -23.90
CA VAL C 466 -4.04 -9.39 -24.77
C VAL C 466 -4.51 -9.12 -26.20
N PRO C 467 -4.03 -8.02 -26.81
CA PRO C 467 -4.55 -7.62 -28.12
C PRO C 467 -4.33 -8.61 -29.26
N GLU C 468 -3.35 -9.51 -29.12
CA GLU C 468 -3.15 -10.55 -30.11
C GLU C 468 -4.37 -11.44 -30.29
N LEU C 469 -5.17 -11.58 -29.22
CA LEU C 469 -6.40 -12.37 -29.25
C LEU C 469 -7.66 -11.54 -29.54
N SER C 470 -7.48 -10.27 -29.90
CA SER C 470 -8.61 -9.34 -30.01
C SER C 470 -9.65 -9.65 -31.10
N LYS C 471 -9.31 -10.52 -32.05
CA LYS C 471 -10.27 -10.94 -33.10
C LYS C 471 -10.99 -12.27 -32.80
N TYR C 472 -10.70 -12.88 -31.65
CA TYR C 472 -11.34 -14.15 -31.29
C TYR C 472 -12.81 -13.93 -30.98
N PRO C 473 -13.68 -14.87 -31.38
CA PRO C 473 -15.08 -14.82 -30.96
C PRO C 473 -15.15 -14.96 -29.45
N ALA C 474 -16.19 -14.39 -28.83
CA ALA C 474 -16.34 -14.48 -27.37
C ALA C 474 -16.47 -15.94 -26.95
N GLY C 475 -16.95 -16.77 -27.87
CA GLY C 475 -17.07 -18.20 -27.64
C GLY C 475 -15.79 -18.94 -27.35
N CYS C 476 -14.62 -18.43 -27.72
CA CYS C 476 -13.39 -19.11 -27.36
C CYS C 476 -12.24 -18.22 -26.91
N ILE C 477 -12.47 -16.92 -26.78
CA ILE C 477 -11.42 -16.00 -26.37
C ILE C 477 -10.89 -16.32 -24.96
N TYR C 478 -11.75 -16.79 -24.06
CA TYR C 478 -11.33 -17.29 -22.75
C TYR C 478 -10.61 -18.65 -22.78
N GLU C 479 -10.76 -19.37 -23.89
CA GLU C 479 -10.30 -20.76 -24.03
C GLU C 479 -9.87 -21.01 -25.50
N PRO C 480 -8.90 -20.24 -26.00
CA PRO C 480 -8.54 -20.23 -27.42
C PRO C 480 -8.12 -21.59 -27.99
N TRP C 481 -7.62 -22.47 -27.14
CA TRP C 481 -7.31 -23.86 -27.51
C TRP C 481 -8.48 -24.69 -28.05
N LYS C 482 -9.70 -24.20 -27.84
CA LYS C 482 -10.91 -24.81 -28.40
C LYS C 482 -11.09 -24.47 -29.89
N ALA C 483 -10.39 -23.45 -30.36
CA ALA C 483 -10.42 -23.06 -31.76
C ALA C 483 -9.49 -23.94 -32.57
N SER C 484 -10.00 -24.48 -33.69
CA SER C 484 -9.17 -25.20 -34.64
C SER C 484 -8.05 -24.34 -35.18
N LEU C 485 -7.04 -24.97 -35.75
CA LEU C 485 -5.96 -24.23 -36.39
C LEU C 485 -6.48 -23.28 -37.49
N VAL C 486 -7.38 -23.73 -38.35
CA VAL C 486 -7.88 -22.84 -39.41
C VAL C 486 -8.58 -21.61 -38.85
N ASP C 487 -9.32 -21.79 -37.74
CA ASP C 487 -10.01 -20.67 -37.10
C ASP C 487 -9.02 -19.75 -36.42
N GLN C 488 -8.01 -20.32 -35.77
CA GLN C 488 -6.93 -19.51 -35.16
C GLN C 488 -6.25 -18.61 -36.20
N ARG C 489 -5.98 -19.19 -37.37
CA ARG C 489 -5.41 -18.44 -38.51
C ARG C 489 -6.35 -17.34 -38.96
N ALA C 490 -7.64 -17.66 -39.06
CA ALA C 490 -8.65 -16.67 -39.43
C ALA C 490 -8.74 -15.52 -38.42
N TYR C 491 -8.46 -15.82 -37.14
CA TYR C 491 -8.49 -14.80 -36.07
C TYR C 491 -7.17 -14.07 -35.90
N GLY C 492 -6.18 -14.43 -36.74
CA GLY C 492 -4.91 -13.71 -36.77
C GLY C 492 -4.01 -14.05 -35.59
N CYS C 493 -4.26 -15.17 -34.91
CA CYS C 493 -3.45 -15.55 -33.74
C CYS C 493 -3.37 -17.06 -33.53
N VAL C 494 -2.22 -17.63 -33.88
CA VAL C 494 -2.01 -19.05 -33.85
C VAL C 494 -1.28 -19.41 -32.58
N LEU C 495 -1.86 -20.35 -31.84
CA LEU C 495 -1.36 -20.74 -30.55
C LEU C 495 -0.04 -21.47 -30.77
N GLY C 496 0.94 -21.13 -29.94
CA GLY C 496 2.32 -21.59 -30.11
C GLY C 496 3.16 -20.63 -30.94
N THR C 497 2.52 -19.70 -31.64
CA THR C 497 3.24 -18.75 -32.51
C THR C 497 3.01 -17.32 -32.08
N ASP C 498 1.75 -16.89 -31.99
CA ASP C 498 1.41 -15.51 -31.61
C ASP C 498 0.97 -15.37 -30.16
N TYR C 499 0.61 -16.49 -29.55
CA TYR C 499 0.16 -16.52 -28.18
C TYR C 499 0.47 -17.94 -27.67
N PRO C 500 0.92 -18.05 -26.42
CA PRO C 500 1.40 -19.36 -26.00
C PRO C 500 0.30 -20.40 -25.81
N HIS C 501 0.70 -21.66 -25.96
CA HIS C 501 -0.09 -22.81 -25.54
C HIS C 501 -0.24 -22.73 -24.01
N ARG C 502 -1.41 -23.13 -23.50
CA ARG C 502 -1.65 -23.02 -22.07
C ARG C 502 -0.69 -23.93 -21.32
N ILE C 503 -0.08 -23.40 -20.26
CA ILE C 503 1.02 -24.09 -19.60
C ILE C 503 0.59 -25.28 -18.75
N VAL C 504 -0.68 -25.30 -18.33
CA VAL C 504 -1.24 -26.45 -17.62
C VAL C 504 -2.69 -26.54 -18.01
N LYS C 505 -3.31 -27.68 -17.70
CA LYS C 505 -4.73 -27.91 -17.95
C LYS C 505 -5.48 -27.79 -16.64
N HIS C 506 -6.15 -26.65 -16.45
CA HIS C 506 -6.87 -26.34 -15.21
C HIS C 506 -7.79 -27.47 -14.76
N GLU C 507 -8.55 -27.99 -15.71
CA GLU C 507 -9.55 -29.01 -15.42
C GLU C 507 -8.96 -30.28 -14.83
N VAL C 508 -7.67 -30.53 -15.08
CA VAL C 508 -6.93 -31.63 -14.45
C VAL C 508 -6.25 -31.19 -13.16
N VAL C 509 -5.38 -30.18 -13.25
CA VAL C 509 -4.49 -29.85 -12.15
C VAL C 509 -5.19 -29.37 -10.88
N HIS C 510 -6.33 -28.68 -11.01
CA HIS C 510 -6.98 -28.12 -9.83
C HIS C 510 -7.56 -29.22 -8.95
N LYS C 511 -8.09 -30.26 -9.58
CA LYS C 511 -8.56 -31.45 -8.87
C LYS C 511 -7.40 -32.14 -8.17
N GLU C 512 -6.27 -32.26 -8.85
CA GLU C 512 -5.06 -32.81 -8.24
C GLU C 512 -4.62 -31.96 -7.04
N ASN C 513 -4.65 -30.64 -7.21
CA ASN C 513 -4.22 -29.74 -6.15
C ASN C 513 -5.16 -29.75 -4.94
N ILE C 514 -6.45 -29.93 -5.17
CA ILE C 514 -7.41 -30.05 -4.06
C ILE C 514 -7.06 -31.27 -3.20
N LYS C 515 -6.72 -32.38 -3.82
CA LYS C 515 -6.20 -33.55 -3.08
C LYS C 515 -4.91 -33.23 -2.32
N ARG C 516 -3.99 -32.51 -2.96
CA ARG C 516 -2.76 -32.10 -2.27
C ARG C 516 -3.05 -31.20 -1.08
N MET C 517 -4.05 -30.34 -1.21
CA MET C 517 -4.40 -29.40 -0.15
C MET C 517 -4.96 -30.16 1.05
N GLY C 518 -5.85 -31.11 0.79
CA GLY C 518 -6.40 -31.95 1.84
C GLY C 518 -5.32 -32.72 2.59
N ALA C 519 -4.33 -33.23 1.86
CA ALA C 519 -3.22 -33.98 2.48
C ALA C 519 -2.34 -33.07 3.33
N ALA C 520 -2.05 -31.88 2.82
CA ALA C 520 -1.27 -30.91 3.61
C ALA C 520 -2.01 -30.49 4.89
N TYR C 521 -3.32 -30.28 4.77
CA TYR C 521 -4.13 -29.88 5.91
C TYR C 521 -4.08 -30.92 7.03
N LYS C 522 -4.18 -32.20 6.66
CA LYS C 522 -4.10 -33.29 7.63
C LYS C 522 -2.76 -33.31 8.36
N VAL C 523 -1.67 -33.16 7.60
CA VAL C 523 -0.33 -33.09 8.19
C VAL C 523 -0.27 -31.96 9.23
N ASN C 524 -0.80 -30.79 8.87
CA ASN C 524 -0.79 -29.64 9.79
C ASN C 524 -1.67 -29.88 11.02
N ARG C 525 -2.83 -30.51 10.81
CA ARG C 525 -3.71 -30.90 11.93
C ARG C 525 -3.00 -31.82 12.92
N GLU C 526 -2.36 -32.85 12.39
CA GLU C 526 -1.65 -33.84 13.19
C GLU C 526 -0.37 -33.32 13.87
N VAL C 527 0.07 -32.13 13.51
CA VAL C 527 1.14 -31.45 14.24
C VAL C 527 0.54 -30.82 15.51
N ARG C 528 -0.76 -30.57 15.49
CA ARG C 528 -1.45 -29.99 16.64
C ARG C 528 -2.29 -31.08 17.32
C1 EDO D . -23.09 -22.50 -1.24
O1 EDO D . -22.61 -23.09 -2.45
C2 EDO D . -22.14 -22.83 -0.09
O2 EDO D . -21.62 -24.17 -0.22
C1 EDO E . -14.38 -27.93 2.37
O1 EDO E . -15.02 -26.76 2.89
C2 EDO E . -13.20 -27.54 1.50
O2 EDO E . -13.64 -26.50 0.64
PA FAD F . -11.94 -0.80 -2.35
O1A FAD F . -12.44 0.52 -2.88
O2A FAD F . -12.84 -1.98 -2.60
O5B FAD F . -11.67 -0.76 -0.75
C5B FAD F . -11.27 0.43 -0.11
C4B FAD F . -9.99 0.19 0.68
O4B FAD F . -10.17 -0.88 1.59
C3B FAD F . -8.78 -0.19 -0.17
O3B FAD F . -8.21 0.93 -0.76
C2B FAD F . -7.91 -0.91 0.85
O2B FAD F . -7.10 -0.01 1.61
C1B FAD F . -8.96 -1.60 1.72
N9A FAD F . -9.21 -2.98 1.23
C8A FAD F . -10.04 -3.39 0.21
N7A FAD F . -9.98 -4.72 0.09
C5A FAD F . -9.10 -5.19 1.01
C6A FAD F . -8.65 -6.46 1.32
N6A FAD F . -9.01 -7.55 0.63
N1A FAD F . -7.74 -6.58 2.33
C2A FAD F . -7.26 -5.48 3.02
N3A FAD F . -7.73 -4.21 2.72
C4A FAD F . -8.62 -4.09 1.73
N1 FAD F . -4.31 -4.25 -1.01
C2 FAD F . -3.35 -3.31 -0.73
O2 FAD F . -3.69 -2.21 -0.36
N3 FAD F . -2.01 -3.61 -0.87
C4 FAD F . -1.60 -4.85 -1.31
O4 FAD F . -0.38 -5.07 -1.39
C4X FAD F . -2.57 -5.82 -1.61
N5 FAD F . -2.21 -7.08 -2.06
C5X FAD F . -3.17 -8.02 -2.35
C6 FAD F . -2.79 -9.29 -2.80
C7 FAD F . -3.76 -10.25 -3.11
C7M FAD F . -3.31 -11.67 -3.37
C8 FAD F . -5.10 -9.93 -2.96
C8M FAD F . -6.20 -10.88 -3.34
C9 FAD F . -5.48 -8.67 -2.51
C9A FAD F . -4.53 -7.71 -2.19
N10 FAD F . -4.91 -6.44 -1.73
C10 FAD F . -3.93 -5.51 -1.45
C1' FAD F . -6.27 -6.20 -1.17
C2' FAD F . -7.23 -5.62 -2.22
O2' FAD F . -7.22 -6.34 -3.43
C3' FAD F . -6.92 -4.15 -2.50
O3' FAD F . -6.84 -3.44 -1.29
C4' FAD F . -8.00 -3.54 -3.37
O4' FAD F . -8.08 -4.24 -4.60
C5' FAD F . -7.71 -2.08 -3.61
O5' FAD F . -8.69 -1.56 -4.46
P FAD F . -9.65 -0.36 -4.00
O1P FAD F . -8.89 0.72 -3.30
O2P FAD F . -10.41 0.12 -5.20
O3P FAD F . -10.51 -1.19 -2.95
N1 FO1 G . 10.08 4.95 3.56
C1 FO1 G . 11.15 5.68 3.92
O1 FO1 G . 11.28 6.10 5.10
N2 FO1 G . 12.13 5.98 3.04
C2 FO1 G . 12.07 5.58 1.76
O2 FO1 G . 13.00 5.87 0.97
C3 FO1 G . 10.90 4.76 1.32
C4 FO1 G . 10.79 4.32 0.02
C5 FO1 G . 9.68 3.54 -0.37
C6 FO1 G . 9.55 3.07 -1.66
C7 FO1 G . 8.42 2.30 -1.97
C9 FO1 G . 7.47 2.06 -0.96
O10 FO1 G . 6.40 1.31 -1.29
C11 FO1 G . 7.60 2.51 0.27
C12 FO1 G . 8.61 3.25 0.62
N3 FO1 G . 8.79 3.68 1.97
C13 FO1 G . 9.91 4.50 2.28
C14 FO1 G . 7.59 3.86 2.81
C15 FO1 G . 7.58 2.60 3.70
O3 FO1 G . 6.39 1.86 3.43
C16 FO1 G . 7.71 2.91 5.19
O4 FO1 G . 9.01 3.41 5.50
C17 FO1 G . 7.50 1.70 6.09
O5 FO1 G . 7.27 2.18 7.42
C18 FO1 G . 8.68 0.74 6.14
O6 FO1 G . 8.36 -0.31 7.05
C1 EDO H . -11.50 -27.11 -21.30
O1 EDO H . -11.04 -25.75 -21.21
C2 EDO H . -10.39 -27.95 -21.90
O2 EDO H . -10.59 -28.09 -23.31
C1 EDO I . -11.99 -3.93 -26.07
O1 EDO I . -11.73 -4.01 -27.48
C2 EDO I . -10.95 -3.05 -25.40
O2 EDO I . -10.95 -1.73 -25.97
#